data_3IAN
#
_entry.id   3IAN
#
_cell.length_a   74.771
_cell.length_b   74.771
_cell.length_c   156.196
_cell.angle_alpha   90.000
_cell.angle_beta   90.000
_cell.angle_gamma   90.000
#
_symmetry.space_group_name_H-M   'P 43 21 2'
#
loop_
_entity.id
_entity.type
_entity.pdbx_description
1 polymer Chitinase
2 non-polymer 'SODIUM ION'
3 non-polymer 1,2-ETHANEDIOL
4 water water
#
_entity_poly.entity_id   1
_entity_poly.type   'polypeptide(L)'
_entity_poly.pdbx_seq_one_letter_code
;MSLDKVLVGYWHNWKSTGKDGYKGGSSADFNLSSTQEGYNVINVSFMKTPEGQTLPTFKPYNKTDTEFRAEISKLNAEGK
SVLIALGGADAHIELKKSQESDFVNEIIRLVDTYGFDGLDIDLEQAAIEAADNQTVIPSALKKVKDHYRKDGKNFMITMA
PEFPYLTSSGKYAPYINNLDSYYDFINPQYYNQGGDGFWDSDLNMWISQSNDEKKEDFLYGLTQRLVTGTDGFIKIPASK
FVIGLPSNNDAAATGYVKDPNAVKNALNRLKASGNEIKGLMTWSVNWDAGTNSNGEKYNNTFVNTYAPMLFNNEGHHHHH
H
;
_entity_poly.pdbx_strand_id   A
#
# COMPACT_ATOMS: atom_id res chain seq x y z
N LEU A 3 -4.62 -11.21 -15.65
CA LEU A 3 -4.25 -10.51 -14.38
C LEU A 3 -3.09 -9.56 -14.60
N ASP A 4 -3.40 -8.28 -14.63
CA ASP A 4 -2.40 -7.25 -14.85
C ASP A 4 -1.62 -7.04 -13.56
N LYS A 5 -0.30 -7.13 -13.67
CA LYS A 5 0.57 -7.11 -12.50
C LYS A 5 0.95 -5.71 -12.05
N VAL A 6 1.06 -5.53 -10.73
CA VAL A 6 1.45 -4.25 -10.15
C VAL A 6 2.69 -4.41 -9.27
N LEU A 7 3.53 -3.37 -9.32
CA LEU A 7 4.62 -3.13 -8.35
C LEU A 7 4.35 -1.76 -7.80
N VAL A 8 3.90 -1.76 -6.54
CA VAL A 8 3.45 -0.56 -5.85
C VAL A 8 4.52 0.00 -4.93
N GLY A 9 4.70 1.32 -4.99
CA GLY A 9 5.65 1.97 -4.13
C GLY A 9 5.09 3.27 -3.56
N TYR A 10 5.30 3.52 -2.27
CA TYR A 10 4.92 4.79 -1.61
C TYR A 10 5.99 5.87 -1.79
N TRP A 11 5.54 7.10 -2.05
CA TRP A 11 6.41 8.27 -2.19
C TRP A 11 6.13 9.21 -1.06
N HIS A 12 7.21 9.65 -0.38
CA HIS A 12 7.10 10.55 0.77
C HIS A 12 6.86 12.01 0.36
N ASN A 13 5.70 12.55 0.74
CA ASN A 13 5.40 13.98 0.58
C ASN A 13 6.01 14.82 1.72
N TRP A 14 7.29 14.65 1.97
CA TRP A 14 7.99 15.46 2.97
C TRP A 14 9.47 15.38 2.74
N LYS A 15 10.21 16.33 3.31
CA LYS A 15 11.65 16.38 3.21
C LYS A 15 12.24 15.47 4.27
N SER A 16 13.13 14.58 3.85
CA SER A 16 13.79 13.68 4.78
C SER A 16 14.45 14.49 5.89
N THR A 17 14.24 14.04 7.11
CA THR A 17 14.86 14.67 8.26
C THR A 17 16.29 14.17 8.48
N GLY A 18 16.72 13.19 7.70
CA GLY A 18 18.06 12.61 7.86
C GLY A 18 18.10 11.64 9.03
N LYS A 19 18.85 10.55 8.87
CA LYS A 19 18.91 9.47 9.86
CA LYS A 19 18.90 9.48 9.87
C LYS A 19 17.51 9.09 10.38
N ASP A 20 16.56 8.97 9.44
CA ASP A 20 15.18 8.61 9.75
C ASP A 20 14.92 7.09 9.66
N GLY A 21 15.95 6.32 9.33
CA GLY A 21 15.81 4.88 9.18
C GLY A 21 15.82 4.13 10.48
N TYR A 22 15.25 2.93 10.49
CA TYR A 22 15.24 2.11 11.70
CA TYR A 22 15.24 2.14 11.71
C TYR A 22 16.65 1.76 12.16
N LYS A 23 17.60 1.72 11.21
CA LYS A 23 18.99 1.43 11.51
C LYS A 23 19.92 2.63 11.25
N GLY A 24 19.41 3.83 11.39
CA GLY A 24 20.21 5.04 11.28
C GLY A 24 20.46 5.54 9.87
N GLY A 25 19.91 4.85 8.88
CA GLY A 25 20.03 5.30 7.48
C GLY A 25 19.17 6.50 7.20
N SER A 26 19.22 6.98 5.95
CA SER A 26 18.54 8.22 5.55
C SER A 26 17.76 7.98 4.26
N SER A 27 16.47 8.28 4.28
CA SER A 27 15.64 8.21 3.06
C SER A 27 16.08 9.28 2.07
N ALA A 28 15.86 9.02 0.78
CA ALA A 28 16.16 10.01 -0.26
C ALA A 28 15.02 11.00 -0.44
N ASP A 29 15.38 12.21 -0.88
CA ASP A 29 14.40 13.22 -1.36
C ASP A 29 14.49 13.30 -2.87
N PHE A 30 13.35 13.25 -3.54
CA PHE A 30 13.29 13.47 -4.98
C PHE A 30 11.86 13.78 -5.38
N ASN A 31 11.68 14.42 -6.54
CA ASN A 31 10.33 14.73 -6.99
C ASN A 31 9.55 13.44 -7.26
N LEU A 32 8.24 13.53 -7.12
CA LEU A 32 7.36 12.40 -7.38
C LEU A 32 7.67 11.82 -8.78
N SER A 33 7.83 12.68 -9.79
CA SER A 33 8.05 12.23 -11.17
C SER A 33 9.45 11.63 -11.38
N SER A 34 10.32 11.69 -10.36
CA SER A 34 11.65 11.12 -10.42
C SER A 34 11.69 9.74 -9.81
N THR A 35 10.53 9.22 -9.41
CA THR A 35 10.42 7.87 -8.89
C THR A 35 11.04 6.86 -9.86
N GLN A 36 11.72 5.88 -9.28
CA GLN A 36 12.39 4.84 -10.06
C GLN A 36 11.44 4.22 -11.07
N GLU A 37 11.98 3.96 -12.25
CA GLU A 37 11.24 3.16 -13.22
C GLU A 37 11.02 1.75 -12.63
N GLY A 38 10.00 1.05 -13.10
CA GLY A 38 9.68 -0.24 -12.55
C GLY A 38 8.39 -0.20 -11.76
N TYR A 39 8.28 0.76 -10.85
CA TYR A 39 7.04 0.96 -10.11
C TYR A 39 5.96 1.42 -11.11
N ASN A 40 4.83 0.76 -11.10
CA ASN A 40 3.68 1.19 -11.95
C ASN A 40 2.45 1.70 -11.18
N VAL A 41 2.50 1.65 -9.84
CA VAL A 41 1.54 2.30 -8.97
C VAL A 41 2.34 3.02 -7.91
N ILE A 42 2.18 4.34 -7.82
CA ILE A 42 2.94 5.15 -6.90
C ILE A 42 1.99 5.91 -5.94
N ASN A 43 2.18 5.70 -4.65
CA ASN A 43 1.26 6.18 -3.63
C ASN A 43 1.82 7.34 -2.86
N VAL A 44 1.25 8.53 -3.13
CA VAL A 44 1.66 9.76 -2.53
C VAL A 44 1.23 9.77 -1.06
N SER A 45 2.19 9.99 -0.18
CA SER A 45 2.04 9.80 1.27
C SER A 45 2.28 11.09 2.06
N PHE A 46 1.28 11.65 2.75
CA PHE A 46 -0.05 11.11 2.98
C PHE A 46 -1.12 12.24 2.95
N MET A 47 -2.36 11.84 2.71
CA MET A 47 -3.54 12.65 3.01
C MET A 47 -3.84 12.46 4.51
N LYS A 48 -3.88 13.59 5.21
CA LYS A 48 -4.00 13.57 6.68
C LYS A 48 -4.62 14.88 7.16
N THR A 49 -5.05 14.88 8.43
CA THR A 49 -5.69 16.07 9.01
C THR A 49 -4.61 16.97 9.61
N PRO A 50 -4.44 18.18 9.05
CA PRO A 50 -3.35 18.99 9.56
C PRO A 50 -3.64 19.54 10.94
N GLU A 51 -2.56 19.82 11.68
CA GLU A 51 -2.64 20.48 13.00
C GLU A 51 -3.61 21.65 12.92
N GLY A 52 -4.56 21.69 13.86
CA GLY A 52 -5.55 22.77 13.91
C GLY A 52 -6.52 22.87 12.74
N GLN A 53 -6.65 21.80 11.96
CA GLN A 53 -7.74 21.65 10.99
C GLN A 53 -8.52 20.39 11.36
N THR A 54 -9.61 20.11 10.66
CA THR A 54 -10.54 19.03 11.03
C THR A 54 -10.96 18.05 9.90
N LEU A 55 -10.54 18.29 8.65
CA LEU A 55 -10.77 17.35 7.53
C LEU A 55 -9.41 16.87 6.97
N PRO A 56 -9.28 15.55 6.68
CA PRO A 56 -8.07 15.13 6.00
C PRO A 56 -7.89 15.81 4.64
N THR A 57 -6.65 16.16 4.31
CA THR A 57 -6.38 16.82 3.05
C THR A 57 -4.94 16.55 2.62
N PHE A 58 -4.60 17.11 1.48
CA PHE A 58 -3.29 16.92 0.90
C PHE A 58 -2.88 18.15 0.12
N LYS A 59 -1.62 18.53 0.32
CA LYS A 59 -0.98 19.54 -0.49
C LYS A 59 0.47 19.12 -0.71
N PRO A 60 0.98 19.22 -1.94
CA PRO A 60 2.35 18.85 -2.20
C PRO A 60 3.30 19.72 -1.40
N TYR A 61 4.30 19.11 -0.79
CA TYR A 61 5.15 19.86 0.14
C TYR A 61 6.19 20.77 -0.57
N ASN A 62 6.55 20.40 -1.81
CA ASN A 62 7.71 20.94 -2.55
C ASN A 62 7.33 21.58 -3.89
N LYS A 63 6.04 21.65 -4.22
CA LYS A 63 5.59 22.01 -5.58
C LYS A 63 4.31 22.83 -5.49
N THR A 64 4.07 23.69 -6.50
CA THR A 64 2.77 24.29 -6.69
C THR A 64 1.81 23.23 -7.19
N ASP A 65 0.52 23.49 -7.06
CA ASP A 65 -0.48 22.59 -7.56
C ASP A 65 -0.30 22.33 -9.04
N THR A 66 -0.01 23.40 -9.81
CA THR A 66 0.22 23.25 -11.24
C THR A 66 1.40 22.32 -11.56
N GLU A 67 2.49 22.48 -10.81
CA GLU A 67 3.67 21.66 -11.01
C GLU A 67 3.37 20.21 -10.68
N PHE A 68 2.71 20.00 -9.56
CA PHE A 68 2.43 18.64 -9.10
C PHE A 68 1.44 17.91 -10.03
N ARG A 69 0.42 18.62 -10.49
CA ARG A 69 -0.48 18.09 -11.51
C ARG A 69 0.29 17.68 -12.76
N ALA A 70 1.27 18.49 -13.15
CA ALA A 70 2.07 18.19 -14.35
C ALA A 70 2.90 16.92 -14.13
N GLU A 71 3.44 16.77 -12.92
CA GLU A 71 4.19 15.53 -12.61
C GLU A 71 3.32 14.31 -12.74
N ILE A 72 2.12 14.36 -12.18
CA ILE A 72 1.17 13.24 -12.31
C ILE A 72 0.74 13.00 -13.76
N SER A 73 0.54 14.08 -14.53
CA SER A 73 0.17 13.89 -15.94
C SER A 73 1.27 13.20 -16.72
N LYS A 74 2.50 13.57 -16.41
CA LYS A 74 3.66 12.97 -17.02
C LYS A 74 3.75 11.47 -16.67
N LEU A 75 3.63 11.15 -15.38
CA LEU A 75 3.65 9.76 -14.90
C LEU A 75 2.56 8.95 -15.54
N ASN A 76 1.36 9.54 -15.63
CA ASN A 76 0.21 8.85 -16.26
C ASN A 76 0.53 8.51 -17.73
N ALA A 77 1.09 9.47 -18.47
CA ALA A 77 1.45 9.29 -19.89
C ALA A 77 2.48 8.21 -20.05
N GLU A 78 3.37 8.10 -19.05
CA GLU A 78 4.39 7.07 -18.97
C GLU A 78 3.84 5.71 -18.56
N GLY A 79 2.54 5.63 -18.25
CA GLY A 79 1.90 4.36 -17.98
C GLY A 79 1.84 4.03 -16.51
N LYS A 80 2.07 5.03 -15.66
CA LYS A 80 2.06 4.80 -14.21
C LYS A 80 0.80 5.39 -13.58
N SER A 81 0.25 4.64 -12.62
CA SER A 81 -0.87 5.13 -11.80
C SER A 81 -0.33 5.80 -10.55
N VAL A 82 -0.99 6.88 -10.11
CA VAL A 82 -0.63 7.62 -8.91
C VAL A 82 -1.84 7.71 -7.99
N LEU A 83 -1.71 7.12 -6.80
CA LEU A 83 -2.77 7.18 -5.80
C LEU A 83 -2.40 8.17 -4.71
N ILE A 84 -3.40 8.65 -3.98
CA ILE A 84 -3.17 9.36 -2.75
C ILE A 84 -3.42 8.38 -1.57
N ALA A 85 -2.47 8.31 -0.65
CA ALA A 85 -2.55 7.42 0.50
C ALA A 85 -3.10 8.20 1.69
N LEU A 86 -4.23 7.73 2.19
CA LEU A 86 -4.92 8.30 3.31
C LEU A 86 -4.39 7.65 4.58
N GLY A 87 -3.87 8.46 5.48
CA GLY A 87 -3.44 7.98 6.80
C GLY A 87 -1.98 8.13 7.06
N GLY A 88 -1.30 7.02 7.34
CA GLY A 88 0.05 7.10 7.85
C GLY A 88 0.03 7.45 9.36
N ALA A 89 1.21 7.47 9.97
CA ALA A 89 1.37 7.73 11.42
C ALA A 89 1.05 9.17 11.76
N ASP A 90 0.42 9.36 12.91
CA ASP A 90 0.09 10.69 13.43
C ASP A 90 -0.72 11.51 12.42
N ALA A 91 -1.68 10.82 11.79
CA ALA A 91 -2.51 11.40 10.72
C ALA A 91 -3.74 12.14 11.28
N HIS A 92 -4.06 11.86 12.54
CA HIS A 92 -5.21 12.47 13.19
C HIS A 92 -6.50 12.35 12.38
N ILE A 93 -6.70 11.22 11.73
CA ILE A 93 -7.92 10.99 10.95
CA ILE A 93 -7.92 10.96 10.94
C ILE A 93 -9.07 10.57 11.87
N GLU A 94 -10.05 11.47 12.03
CA GLU A 94 -11.16 11.24 12.94
C GLU A 94 -12.43 11.71 12.27
N LEU A 95 -12.89 10.93 11.30
CA LEU A 95 -14.03 11.34 10.49
C LEU A 95 -15.33 11.07 11.20
N LYS A 96 -16.10 12.15 11.35
CA LYS A 96 -17.44 12.06 11.88
C LYS A 96 -18.41 11.87 10.74
N LYS A 97 -19.51 11.18 11.04
CA LYS A 97 -20.58 11.00 10.06
C LYS A 97 -21.02 12.33 9.45
N SER A 98 -21.02 13.39 10.26
CA SER A 98 -21.44 14.72 9.79
C SER A 98 -20.48 15.28 8.72
N GLN A 99 -19.27 14.73 8.66
CA GLN A 99 -18.23 15.20 7.76
C GLN A 99 -18.18 14.45 6.42
N GLU A 100 -19.11 13.53 6.19
CA GLU A 100 -19.00 12.63 5.04
C GLU A 100 -18.99 13.34 3.69
N SER A 101 -19.96 14.25 3.51
CA SER A 101 -20.09 14.98 2.26
CA SER A 101 -20.10 14.98 2.26
C SER A 101 -18.86 15.81 1.97
N ASP A 102 -18.37 16.49 2.99
CA ASP A 102 -17.18 17.29 2.86
C ASP A 102 -15.97 16.40 2.50
N PHE A 103 -15.91 15.21 3.11
CA PHE A 103 -14.83 14.27 2.85
C PHE A 103 -14.89 13.81 1.40
N VAL A 104 -16.08 13.41 0.94
CA VAL A 104 -16.30 13.03 -0.46
C VAL A 104 -15.88 14.15 -1.43
N ASN A 105 -16.28 15.38 -1.14
CA ASN A 105 -15.95 16.55 -1.99
C ASN A 105 -14.46 16.85 -2.00
N GLU A 106 -13.82 16.68 -0.84
CA GLU A 106 -12.37 16.90 -0.77
C GLU A 106 -11.60 15.85 -1.58
N ILE A 107 -12.01 14.57 -1.50
CA ILE A 107 -11.36 13.53 -2.32
C ILE A 107 -11.51 13.82 -3.80
N ILE A 108 -12.72 14.19 -4.22
CA ILE A 108 -12.97 14.61 -5.60
C ILE A 108 -12.10 15.82 -6.00
N ARG A 109 -11.99 16.80 -5.12
CA ARG A 109 -11.19 17.97 -5.38
C ARG A 109 -9.72 17.60 -5.58
N LEU A 110 -9.19 16.78 -4.69
CA LEU A 110 -7.82 16.31 -4.82
C LEU A 110 -7.60 15.56 -6.12
N VAL A 111 -8.51 14.68 -6.46
CA VAL A 111 -8.36 13.90 -7.69
C VAL A 111 -8.35 14.83 -8.92
N ASP A 112 -9.26 15.77 -8.95
CA ASP A 112 -9.43 16.66 -10.12
C ASP A 112 -8.34 17.72 -10.16
N THR A 113 -7.83 18.13 -9.00
CA THR A 113 -6.77 19.14 -8.94
C THR A 113 -5.44 18.60 -9.39
N TYR A 114 -5.11 17.40 -8.91
CA TYR A 114 -3.79 16.85 -9.08
C TYR A 114 -3.68 15.72 -10.08
N GLY A 115 -4.79 15.05 -10.35
CA GLY A 115 -4.84 13.94 -11.27
C GLY A 115 -4.64 12.58 -10.63
N PHE A 116 -4.81 12.47 -9.33
CA PHE A 116 -4.77 11.16 -8.68
C PHE A 116 -5.70 10.17 -9.35
N ASP A 117 -5.24 8.93 -9.47
CA ASP A 117 -6.01 7.88 -10.09
C ASP A 117 -6.81 7.02 -9.10
N GLY A 118 -6.70 7.33 -7.82
CA GLY A 118 -7.37 6.55 -6.81
C GLY A 118 -6.81 6.90 -5.46
N LEU A 119 -7.25 6.14 -4.46
CA LEU A 119 -6.89 6.39 -3.07
C LEU A 119 -6.55 5.07 -2.40
N ASP A 120 -5.50 5.08 -1.59
CA ASP A 120 -5.08 3.94 -0.79
C ASP A 120 -5.42 4.23 0.68
N ILE A 121 -6.09 3.28 1.34
CA ILE A 121 -6.46 3.43 2.74
C ILE A 121 -5.33 2.81 3.57
N ASP A 122 -4.61 3.69 4.24
CA ASP A 122 -3.43 3.31 5.00
C ASP A 122 -3.54 3.85 6.44
N LEU A 123 -4.58 3.42 7.13
CA LEU A 123 -4.89 3.91 8.46
C LEU A 123 -3.97 3.27 9.50
N GLU A 124 -3.38 4.11 10.35
CA GLU A 124 -2.68 3.68 11.57
C GLU A 124 -3.62 2.99 12.53
N GLN A 125 -3.05 2.21 13.45
CA GLN A 125 -3.81 1.43 14.41
C GLN A 125 -4.90 2.25 15.13
N ALA A 126 -4.53 3.41 15.67
CA ALA A 126 -5.48 4.30 16.36
C ALA A 126 -6.67 4.74 15.49
N ALA A 127 -6.42 4.87 14.18
CA ALA A 127 -7.41 5.38 13.25
C ALA A 127 -8.46 4.33 12.89
N ILE A 128 -8.12 3.05 13.03
CA ILE A 128 -8.98 2.00 12.48
C ILE A 128 -10.41 2.09 13.02
N GLU A 129 -10.55 2.29 14.33
CA GLU A 129 -11.86 2.40 14.95
C GLU A 129 -12.17 3.81 15.47
N ALA A 130 -11.34 4.79 15.11
CA ALA A 130 -11.52 6.17 15.60
C ALA A 130 -12.78 6.79 15.02
N ALA A 131 -13.45 7.60 15.84
CA ALA A 131 -14.60 8.37 15.41
C ALA A 131 -15.57 7.49 14.62
N ASP A 132 -16.01 7.92 13.43
CA ASP A 132 -16.88 7.10 12.58
C ASP A 132 -16.10 6.61 11.32
N ASN A 133 -14.78 6.52 11.44
CA ASN A 133 -13.94 6.06 10.30
C ASN A 133 -14.49 4.81 9.58
N GLN A 134 -14.88 3.79 10.36
CA GLN A 134 -15.28 2.49 9.80
C GLN A 134 -16.48 2.51 8.88
N THR A 135 -17.36 3.49 9.05
CA THR A 135 -18.54 3.61 8.22
C THR A 135 -18.37 4.74 7.19
N VAL A 136 -17.80 5.87 7.60
CA VAL A 136 -17.69 7.05 6.72
C VAL A 136 -16.73 6.79 5.55
N ILE A 137 -15.57 6.22 5.84
CA ILE A 137 -14.55 6.01 4.81
C ILE A 137 -15.04 5.10 3.68
N PRO A 138 -15.61 3.92 4.01
CA PRO A 138 -16.17 3.12 2.93
C PRO A 138 -17.32 3.78 2.18
N SER A 139 -18.23 4.42 2.93
CA SER A 139 -19.38 5.06 2.32
C SER A 139 -18.95 6.19 1.36
N ALA A 140 -18.05 7.04 1.83
CA ALA A 140 -17.51 8.15 1.04
C ALA A 140 -16.83 7.64 -0.22
N LEU A 141 -15.99 6.61 -0.04
CA LEU A 141 -15.25 6.06 -1.17
C LEU A 141 -16.14 5.41 -2.22
N LYS A 142 -17.25 4.79 -1.80
CA LYS A 142 -18.22 4.28 -2.77
CA LYS A 142 -18.20 4.28 -2.78
C LYS A 142 -18.83 5.43 -3.60
N LYS A 143 -19.16 6.53 -2.92
CA LYS A 143 -19.72 7.71 -3.61
C LYS A 143 -18.71 8.28 -4.62
N VAL A 144 -17.45 8.36 -4.21
CA VAL A 144 -16.40 8.86 -5.10
C VAL A 144 -16.24 7.93 -6.30
N LYS A 145 -16.18 6.63 -6.05
CA LYS A 145 -16.02 5.70 -7.14
C LYS A 145 -17.17 5.82 -8.13
N ASP A 146 -18.38 5.91 -7.62
CA ASP A 146 -19.56 5.98 -8.49
C ASP A 146 -19.59 7.28 -9.28
N HIS A 147 -19.15 8.37 -8.68
CA HIS A 147 -19.01 9.66 -9.37
C HIS A 147 -18.16 9.54 -10.63
N TYR A 148 -17.00 8.90 -10.50
CA TYR A 148 -16.09 8.75 -11.63
C TYR A 148 -16.56 7.67 -12.59
N ARG A 149 -17.29 6.66 -12.09
CA ARG A 149 -17.90 5.62 -12.96
C ARG A 149 -18.90 6.21 -13.95
N LYS A 150 -19.67 7.19 -13.49
CA LYS A 150 -20.63 7.88 -14.37
C LYS A 150 -19.93 8.61 -15.54
N ASP A 151 -18.63 8.84 -15.36
N ASP A 151 -18.64 8.88 -15.42
CA ASP A 151 -17.66 9.56 -16.21
CA ASP A 151 -17.87 9.53 -16.47
C ASP A 151 -16.90 8.56 -17.13
C ASP A 151 -16.94 8.55 -17.19
N GLY A 152 -17.17 7.26 -16.97
CA GLY A 152 -16.37 6.21 -17.62
C GLY A 152 -14.93 6.03 -17.10
N LYS A 153 -14.62 6.55 -15.91
CA LYS A 153 -13.27 6.43 -15.32
C LYS A 153 -13.30 5.48 -14.10
N ASN A 154 -12.18 4.78 -13.85
CA ASN A 154 -12.00 3.92 -12.66
C ASN A 154 -11.14 4.63 -11.62
N PHE A 155 -11.80 5.15 -10.59
CA PHE A 155 -11.13 5.66 -9.40
C PHE A 155 -10.74 4.40 -8.62
N MET A 156 -9.44 4.13 -8.57
CA MET A 156 -8.92 2.96 -7.90
C MET A 156 -9.03 3.13 -6.37
N ILE A 157 -9.41 2.05 -5.70
CA ILE A 157 -9.36 1.98 -4.27
C ILE A 157 -8.46 0.82 -3.86
N THR A 158 -7.48 1.11 -3.03
CA THR A 158 -6.64 0.06 -2.45
C THR A 158 -6.59 0.27 -0.94
N MET A 159 -5.97 -0.69 -0.25
CA MET A 159 -5.80 -0.60 1.19
C MET A 159 -4.49 -1.26 1.59
N ALA A 160 -3.90 -0.75 2.67
CA ALA A 160 -2.65 -1.25 3.22
C ALA A 160 -2.79 -1.65 4.68
N PRO A 161 -3.68 -2.63 4.98
CA PRO A 161 -3.86 -3.11 6.33
C PRO A 161 -2.62 -3.80 6.87
N GLU A 162 -2.30 -3.58 8.15
CA GLU A 162 -1.29 -4.38 8.81
C GLU A 162 -1.88 -5.76 8.97
N PHE A 163 -1.11 -6.80 8.67
CA PHE A 163 -1.70 -8.12 8.47
C PHE A 163 -2.46 -8.68 9.67
N PRO A 164 -2.03 -8.40 10.90
CA PRO A 164 -2.75 -9.00 12.05
C PRO A 164 -4.19 -8.57 12.17
N TYR A 165 -4.57 -7.45 11.58
CA TYR A 165 -5.95 -6.97 11.65
CA TYR A 165 -5.98 -7.15 11.79
C TYR A 165 -6.88 -7.65 10.67
N LEU A 166 -6.36 -8.59 9.86
CA LEU A 166 -7.13 -9.17 8.76
C LEU A 166 -7.87 -10.46 9.14
N THR A 167 -8.35 -10.51 10.38
CA THR A 167 -9.19 -11.64 10.81
C THR A 167 -10.62 -11.38 10.32
N SER A 168 -11.38 -12.47 10.17
CA SER A 168 -12.76 -12.42 9.67
C SER A 168 -13.65 -11.39 10.34
N SER A 169 -13.51 -11.27 11.65
CA SER A 169 -14.33 -10.32 12.41
C SER A 169 -13.45 -9.32 13.14
N GLY A 170 -12.32 -8.99 12.53
CA GLY A 170 -11.39 -8.05 13.10
C GLY A 170 -11.79 -6.62 12.80
N LYS A 171 -10.89 -5.70 13.17
CA LYS A 171 -11.14 -4.24 13.08
C LYS A 171 -11.28 -3.76 11.66
N TYR A 172 -10.61 -4.47 10.76
CA TYR A 172 -10.55 -4.09 9.38
C TYR A 172 -11.70 -4.61 8.55
N ALA A 173 -12.42 -5.60 9.08
CA ALA A 173 -13.42 -6.28 8.30
C ALA A 173 -14.41 -5.32 7.67
N PRO A 174 -14.90 -4.32 8.43
CA PRO A 174 -15.88 -3.43 7.82
C PRO A 174 -15.35 -2.73 6.55
N TYR A 175 -14.08 -2.31 6.57
CA TYR A 175 -13.49 -1.66 5.38
C TYR A 175 -13.53 -2.58 4.18
N ILE A 176 -13.14 -3.84 4.36
CA ILE A 176 -13.09 -4.80 3.27
C ILE A 176 -14.49 -5.25 2.83
N ASN A 177 -15.30 -5.68 3.79
CA ASN A 177 -16.67 -6.12 3.50
C ASN A 177 -17.48 -5.03 2.82
N ASN A 178 -17.39 -3.80 3.33
CA ASN A 178 -18.24 -2.73 2.80
C ASN A 178 -17.74 -2.11 1.50
N LEU A 179 -16.51 -2.45 1.10
CA LEU A 179 -15.95 -2.02 -0.19
C LEU A 179 -15.82 -3.17 -1.19
N ASP A 180 -16.45 -4.29 -0.88
CA ASP A 180 -16.51 -5.39 -1.82
C ASP A 180 -17.12 -4.92 -3.12
N SER A 181 -16.47 -5.29 -4.22
CA SER A 181 -16.77 -4.86 -5.60
C SER A 181 -16.29 -3.43 -5.91
N TYR A 182 -15.80 -2.71 -4.91
CA TYR A 182 -15.30 -1.34 -5.14
C TYR A 182 -13.77 -1.29 -5.09
N TYR A 183 -13.16 -2.04 -4.18
CA TYR A 183 -11.68 -2.01 -4.11
C TYR A 183 -11.05 -2.78 -5.28
N ASP A 184 -9.92 -2.25 -5.76
CA ASP A 184 -9.19 -2.86 -6.86
C ASP A 184 -8.19 -3.91 -6.38
N PHE A 185 -7.51 -3.59 -5.30
CA PHE A 185 -6.65 -4.57 -4.64
C PHE A 185 -6.29 -4.15 -3.25
N ILE A 186 -5.84 -5.12 -2.47
CA ILE A 186 -5.36 -4.89 -1.10
C ILE A 186 -3.92 -5.32 -1.05
N ASN A 187 -3.07 -4.45 -0.49
CA ASN A 187 -1.66 -4.74 -0.26
C ASN A 187 -1.34 -4.69 1.22
N PRO A 188 -1.56 -5.82 1.93
CA PRO A 188 -1.26 -5.78 3.36
C PRO A 188 0.23 -5.63 3.66
N GLN A 189 0.52 -5.11 4.85
CA GLN A 189 1.90 -4.89 5.27
C GLN A 189 2.34 -6.17 5.96
N TYR A 190 3.28 -6.88 5.33
CA TYR A 190 3.91 -8.08 5.90
C TYR A 190 5.19 -7.67 6.65
N TYR A 191 5.08 -6.63 7.46
CA TYR A 191 6.21 -6.04 8.17
C TYR A 191 5.78 -5.27 9.42
N ASN A 192 6.76 -5.01 10.27
CA ASN A 192 6.55 -4.27 11.52
C ASN A 192 5.68 -4.94 12.58
N GLN A 193 5.51 -6.26 12.50
CA GLN A 193 4.72 -6.98 13.49
C GLN A 193 5.52 -8.01 14.29
N GLY A 194 6.86 -7.92 14.22
CA GLY A 194 7.76 -8.73 15.06
C GLY A 194 7.54 -10.23 14.99
N GLY A 195 7.24 -10.84 16.13
CA GLY A 195 6.99 -12.26 16.24
C GLY A 195 5.59 -12.75 15.91
N ASP A 196 4.71 -11.83 15.51
CA ASP A 196 3.37 -12.20 15.11
C ASP A 196 3.41 -12.93 13.75
N GLY A 197 2.33 -13.61 13.44
CA GLY A 197 2.29 -14.46 12.26
C GLY A 197 1.06 -15.32 12.31
N PHE A 198 1.24 -16.60 12.08
CA PHE A 198 0.07 -17.49 12.05
C PHE A 198 0.49 -18.90 12.46
N TRP A 199 -0.51 -19.67 12.91
CA TRP A 199 -0.30 -21.06 13.32
C TRP A 199 -0.59 -21.99 12.14
N ASP A 200 0.38 -22.86 11.83
CA ASP A 200 0.21 -23.83 10.77
C ASP A 200 0.01 -25.21 11.36
N SER A 201 -1.21 -25.72 11.28
CA SER A 201 -1.52 -27.02 11.89
C SER A 201 -0.83 -28.19 11.17
N ASP A 202 -0.62 -28.10 9.86
CA ASP A 202 0.05 -29.20 9.15
C ASP A 202 1.50 -29.37 9.57
N LEU A 203 2.21 -28.26 9.75
CA LEU A 203 3.60 -28.29 10.22
C LEU A 203 3.71 -28.29 11.74
N ASN A 204 2.60 -28.09 12.42
CA ASN A 204 2.58 -27.94 13.87
C ASN A 204 3.55 -26.85 14.35
N MET A 205 3.45 -25.68 13.72
CA MET A 205 4.43 -24.64 13.94
C MET A 205 3.79 -23.24 13.84
N TRP A 206 4.28 -22.33 14.66
CA TRP A 206 4.01 -20.91 14.54
C TRP A 206 5.00 -20.37 13.55
N ILE A 207 4.49 -19.71 12.51
CA ILE A 207 5.31 -19.11 11.49
C ILE A 207 5.21 -17.59 11.63
N SER A 208 6.28 -16.99 12.17
CA SER A 208 6.32 -15.56 12.41
C SER A 208 6.80 -14.78 11.19
N GLN A 209 6.43 -13.51 11.22
CA GLN A 209 6.80 -12.54 10.20
C GLN A 209 8.27 -12.15 10.29
N SER A 210 8.95 -12.54 11.38
CA SER A 210 10.38 -12.25 11.51
C SER A 210 11.24 -13.53 11.45
N ASN A 211 10.62 -14.64 11.04
CA ASN A 211 11.30 -15.88 10.79
C ASN A 211 11.92 -15.86 9.40
N ASP A 212 13.23 -15.63 9.35
CA ASP A 212 13.96 -15.59 8.08
C ASP A 212 14.08 -16.98 7.47
N GLU A 213 14.34 -17.97 8.32
CA GLU A 213 14.49 -19.33 7.80
C GLU A 213 13.26 -19.80 7.03
N LYS A 214 12.09 -19.47 7.57
CA LYS A 214 10.83 -19.92 6.99
C LYS A 214 10.10 -18.78 6.28
N LYS A 215 10.86 -17.79 5.77
CA LYS A 215 10.22 -16.65 5.12
C LYS A 215 9.29 -17.05 3.97
N GLU A 216 9.71 -18.01 3.17
CA GLU A 216 8.90 -18.43 2.03
C GLU A 216 7.55 -18.99 2.50
N ASP A 217 7.57 -19.85 3.51
CA ASP A 217 6.33 -20.40 4.06
C ASP A 217 5.45 -19.35 4.76
N PHE A 218 6.07 -18.34 5.35
CA PHE A 218 5.35 -17.22 5.95
C PHE A 218 4.59 -16.45 4.85
N LEU A 219 5.32 -16.11 3.78
CA LEU A 219 4.71 -15.38 2.65
C LEU A 219 3.63 -16.21 1.95
N TYR A 220 3.96 -17.47 1.68
CA TYR A 220 3.00 -18.35 1.04
C TYR A 220 1.78 -18.61 1.93
N GLY A 221 2.01 -19.04 3.18
CA GLY A 221 0.94 -19.43 4.08
C GLY A 221 0.02 -18.31 4.51
N LEU A 222 0.54 -17.12 4.75
CA LEU A 222 -0.33 -16.02 5.14
C LEU A 222 -1.20 -15.61 3.95
N THR A 223 -0.56 -15.51 2.80
CA THR A 223 -1.26 -15.14 1.57
C THR A 223 -2.33 -16.19 1.22
N GLN A 224 -1.98 -17.47 1.30
CA GLN A 224 -2.93 -18.54 0.96
CA GLN A 224 -2.89 -18.56 1.00
C GLN A 224 -4.14 -18.48 1.88
N ARG A 225 -3.93 -18.21 3.16
CA ARG A 225 -5.06 -18.05 4.07
C ARG A 225 -5.96 -16.86 3.70
N LEU A 226 -5.34 -15.74 3.34
CA LEU A 226 -6.09 -14.56 2.98
C LEU A 226 -6.87 -14.75 1.68
N VAL A 227 -6.28 -15.41 0.69
CA VAL A 227 -6.95 -15.51 -0.63
C VAL A 227 -7.97 -16.65 -0.71
N THR A 228 -8.04 -17.44 0.36
CA THR A 228 -9.05 -18.47 0.53
C THR A 228 -10.00 -18.18 1.68
N GLY A 229 -9.72 -17.15 2.48
CA GLY A 229 -10.52 -16.84 3.65
C GLY A 229 -10.58 -17.98 4.66
N THR A 230 -9.43 -18.59 4.93
CA THR A 230 -9.34 -19.74 5.85
C THR A 230 -8.52 -19.41 7.09
N ASP A 231 -8.61 -20.32 8.09
CA ASP A 231 -7.81 -20.21 9.32
CA ASP A 231 -7.86 -20.22 9.34
C ASP A 231 -8.15 -18.92 10.10
N GLY A 232 -9.39 -18.46 9.99
CA GLY A 232 -9.82 -17.27 10.67
C GLY A 232 -9.57 -15.94 9.97
N PHE A 233 -8.94 -15.99 8.81
CA PHE A 233 -8.60 -14.76 8.07
C PHE A 233 -9.74 -14.39 7.15
N ILE A 234 -9.89 -13.09 6.92
CA ILE A 234 -10.86 -12.57 5.97
C ILE A 234 -10.46 -12.99 4.54
N LYS A 235 -11.45 -13.16 3.66
CA LYS A 235 -11.15 -13.47 2.27
C LYS A 235 -10.93 -12.23 1.42
N ILE A 236 -9.83 -12.25 0.67
CA ILE A 236 -9.49 -11.24 -0.34
C ILE A 236 -9.12 -12.04 -1.58
N PRO A 237 -9.88 -11.89 -2.67
CA PRO A 237 -9.55 -12.66 -3.86
C PRO A 237 -8.11 -12.47 -4.30
N ALA A 238 -7.47 -13.55 -4.76
CA ALA A 238 -6.08 -13.54 -5.15
C ALA A 238 -5.78 -12.50 -6.24
N SER A 239 -6.72 -12.34 -7.16
CA SER A 239 -6.55 -11.36 -8.25
C SER A 239 -6.61 -9.92 -7.75
N LYS A 240 -7.01 -9.74 -6.50
CA LYS A 240 -7.04 -8.43 -5.89
C LYS A 240 -6.08 -8.33 -4.68
N PHE A 241 -5.03 -9.13 -4.73
CA PHE A 241 -4.10 -9.26 -3.60
C PHE A 241 -2.68 -8.97 -4.01
N VAL A 242 -1.99 -8.21 -3.16
CA VAL A 242 -0.63 -7.74 -3.39
C VAL A 242 0.12 -7.86 -2.06
N ILE A 243 1.30 -8.45 -2.09
CA ILE A 243 2.11 -8.61 -0.86
C ILE A 243 2.96 -7.38 -0.64
N GLY A 244 2.79 -6.76 0.55
CA GLY A 244 3.55 -5.58 0.90
C GLY A 244 4.78 -5.92 1.73
N LEU A 245 5.93 -5.39 1.31
CA LEU A 245 7.23 -5.67 1.89
C LEU A 245 8.06 -4.42 2.13
N PRO A 246 8.94 -4.44 3.15
CA PRO A 246 9.86 -3.31 3.27
C PRO A 246 10.96 -3.33 2.23
N SER A 247 11.35 -2.14 1.79
CA SER A 247 12.40 -2.03 0.77
C SER A 247 13.75 -2.52 1.29
N ASN A 248 13.98 -2.28 2.58
CA ASN A 248 15.23 -2.64 3.25
C ASN A 248 15.04 -2.52 4.77
N ASN A 249 16.07 -2.83 5.55
CA ASN A 249 15.95 -2.81 7.01
C ASN A 249 15.95 -1.42 7.64
N ASP A 250 16.19 -0.37 6.85
CA ASP A 250 15.95 0.97 7.34
C ASP A 250 14.48 1.38 7.24
N ALA A 251 13.81 0.87 6.21
CA ALA A 251 12.40 1.19 5.89
C ALA A 251 11.41 0.68 6.93
N ALA A 252 11.73 -0.44 7.58
CA ALA A 252 10.86 -1.06 8.59
C ALA A 252 11.70 -1.83 9.60
N ALA A 253 11.17 -1.94 10.81
CA ALA A 253 11.86 -2.59 11.93
C ALA A 253 12.09 -4.05 11.63
N THR A 254 11.05 -4.71 11.11
CA THR A 254 11.09 -6.13 10.78
C THR A 254 10.31 -6.40 9.48
N GLY A 255 10.60 -7.51 8.84
CA GLY A 255 9.85 -7.98 7.67
C GLY A 255 10.61 -7.99 6.39
N TYR A 256 11.78 -7.34 6.38
CA TYR A 256 12.62 -7.31 5.20
C TYR A 256 12.95 -8.74 4.77
N VAL A 257 12.81 -8.99 3.48
CA VAL A 257 13.07 -10.31 2.90
C VAL A 257 14.55 -10.38 2.45
N LYS A 258 15.35 -11.19 3.17
CA LYS A 258 16.77 -11.31 2.89
C LYS A 258 17.05 -12.05 1.60
N ASP A 259 16.20 -13.02 1.27
CA ASP A 259 16.37 -13.87 0.10
C ASP A 259 15.16 -13.75 -0.83
N PRO A 260 15.32 -13.01 -1.92
CA PRO A 260 14.24 -12.77 -2.88
C PRO A 260 13.65 -14.05 -3.46
N ASN A 261 14.42 -15.15 -3.43
CA ASN A 261 13.88 -16.41 -3.87
C ASN A 261 12.71 -16.87 -3.02
N ALA A 262 12.67 -16.44 -1.76
CA ALA A 262 11.50 -16.72 -0.92
C ALA A 262 10.22 -16.13 -1.53
N VAL A 263 10.32 -14.89 -2.03
CA VAL A 263 9.19 -14.26 -2.69
C VAL A 263 8.88 -14.98 -4.02
N LYS A 264 9.89 -15.22 -4.82
CA LYS A 264 9.69 -15.87 -6.12
C LYS A 264 8.97 -17.21 -5.95
N ASN A 265 9.47 -18.02 -5.02
CA ASN A 265 8.90 -19.32 -4.75
C ASN A 265 7.49 -19.20 -4.20
N ALA A 266 7.26 -18.24 -3.31
CA ALA A 266 5.91 -18.05 -2.78
C ALA A 266 4.92 -17.67 -3.90
N LEU A 267 5.30 -16.72 -4.75
CA LEU A 267 4.47 -16.31 -5.89
C LEU A 267 4.16 -17.50 -6.84
N ASN A 268 5.19 -18.29 -7.15
CA ASN A 268 5.04 -19.49 -7.99
C ASN A 268 4.14 -20.55 -7.34
N ARG A 269 4.30 -20.79 -6.04
CA ARG A 269 3.41 -21.72 -5.34
C ARG A 269 1.95 -21.24 -5.29
N LEU A 270 1.74 -19.92 -5.10
CA LEU A 270 0.39 -19.37 -5.16
C LEU A 270 -0.25 -19.61 -6.54
N LYS A 271 0.50 -19.33 -7.60
CA LYS A 271 0.00 -19.54 -8.96
C LYS A 271 -0.31 -21.04 -9.16
N ALA A 272 0.60 -21.91 -8.71
CA ALA A 272 0.41 -23.35 -8.87
C ALA A 272 -0.79 -23.90 -8.08
N SER A 273 -1.18 -23.22 -7.01
CA SER A 273 -2.37 -23.61 -6.24
C SER A 273 -3.67 -23.01 -6.81
N GLY A 274 -3.60 -22.32 -7.95
CA GLY A 274 -4.76 -21.68 -8.54
C GLY A 274 -5.12 -20.34 -7.92
N ASN A 275 -4.14 -19.71 -7.27
CA ASN A 275 -4.35 -18.45 -6.56
C ASN A 275 -3.27 -17.43 -6.93
N GLU A 276 -3.06 -17.25 -8.22
CA GLU A 276 -2.07 -16.27 -8.69
C GLU A 276 -2.44 -14.89 -8.14
N ILE A 277 -1.48 -14.18 -7.56
CA ILE A 277 -1.76 -12.85 -7.01
C ILE A 277 -1.30 -11.69 -7.93
N LYS A 278 -1.70 -10.47 -7.59
CA LYS A 278 -1.54 -9.33 -8.49
C LYS A 278 -0.15 -8.70 -8.49
N GLY A 279 0.62 -8.89 -7.42
CA GLY A 279 1.96 -8.35 -7.40
C GLY A 279 2.48 -8.03 -6.01
N LEU A 280 3.32 -7.01 -5.96
CA LEU A 280 4.05 -6.62 -4.76
C LEU A 280 3.95 -5.12 -4.51
N MET A 281 4.11 -4.77 -3.23
CA MET A 281 4.12 -3.41 -2.72
C MET A 281 5.34 -3.20 -1.83
N THR A 282 5.85 -1.99 -1.82
CA THR A 282 6.89 -1.64 -0.86
C THR A 282 6.76 -0.26 -0.20
N TRP A 283 7.07 -0.25 1.08
CA TRP A 283 7.48 0.97 1.76
C TRP A 283 9.00 0.96 1.68
N SER A 284 9.61 1.81 0.84
CA SER A 284 9.00 2.90 0.08
C SER A 284 9.97 3.27 -1.04
N VAL A 285 9.53 4.03 -2.03
CA VAL A 285 10.46 4.39 -3.11
C VAL A 285 11.59 5.27 -2.57
N ASN A 286 11.29 6.13 -1.60
CA ASN A 286 12.32 6.99 -1.02
C ASN A 286 13.33 6.18 -0.22
N TRP A 287 12.88 5.12 0.44
CA TRP A 287 13.81 4.17 1.10
C TRP A 287 14.62 3.35 0.13
N ASP A 288 14.00 2.91 -0.97
CA ASP A 288 14.70 2.08 -1.94
C ASP A 288 15.90 2.85 -2.56
N ALA A 289 15.78 4.19 -2.62
CA ALA A 289 16.83 5.09 -3.11
C ALA A 289 17.67 5.73 -1.98
N GLY A 290 17.48 5.23 -0.76
CA GLY A 290 18.07 5.84 0.42
C GLY A 290 19.51 5.36 0.61
N THR A 291 20.05 5.71 1.76
CA THR A 291 21.38 5.28 2.14
C THR A 291 21.30 4.64 3.53
N ASN A 292 22.17 3.66 3.79
CA ASN A 292 22.33 3.13 5.17
C ASN A 292 23.14 4.11 6.05
N SER A 293 23.36 3.76 7.34
CA SER A 293 24.02 4.66 8.28
C SER A 293 25.43 5.05 7.86
N ASN A 294 26.09 4.15 7.13
CA ASN A 294 27.44 4.35 6.59
C ASN A 294 27.48 5.15 5.26
N GLY A 295 26.32 5.53 4.75
CA GLY A 295 26.26 6.32 3.52
C GLY A 295 26.27 5.48 2.26
N GLU A 296 26.23 4.15 2.39
CA GLU A 296 26.13 3.31 1.23
C GLU A 296 24.71 3.34 0.65
N LYS A 297 24.60 3.47 -0.66
CA LYS A 297 23.31 3.55 -1.36
C LYS A 297 22.57 2.22 -1.40
N TYR A 298 21.29 2.26 -1.02
CA TYR A 298 20.42 1.10 -1.20
C TYR A 298 20.28 0.78 -2.67
N ASN A 299 20.40 1.82 -3.50
CA ASN A 299 20.62 1.68 -4.94
C ASN A 299 19.46 0.91 -5.63
N ASN A 300 18.24 1.19 -5.19
CA ASN A 300 17.03 0.69 -5.89
C ASN A 300 16.98 -0.83 -5.97
N THR A 301 17.55 -1.50 -4.95
CA THR A 301 17.67 -2.95 -4.98
CA THR A 301 17.66 -2.96 -5.00
C THR A 301 16.30 -3.62 -4.97
N PHE A 302 15.35 -3.01 -4.29
CA PHE A 302 14.02 -3.61 -4.26
C PHE A 302 13.40 -3.61 -5.67
N VAL A 303 13.32 -2.44 -6.29
CA VAL A 303 12.74 -2.40 -7.63
C VAL A 303 13.58 -3.19 -8.66
N ASN A 304 14.89 -3.13 -8.54
CA ASN A 304 15.80 -3.83 -9.48
C ASN A 304 15.66 -5.33 -9.35
N THR A 305 15.21 -5.79 -8.18
CA THR A 305 15.04 -7.21 -7.89
C THR A 305 13.62 -7.69 -8.28
N TYR A 306 12.59 -6.98 -7.83
CA TYR A 306 11.22 -7.45 -7.94
C TYR A 306 10.48 -7.06 -9.23
N ALA A 307 10.90 -5.96 -9.84
CA ALA A 307 10.29 -5.56 -11.10
C ALA A 307 10.51 -6.64 -12.18
N PRO A 308 11.75 -7.10 -12.38
CA PRO A 308 11.97 -8.16 -13.39
C PRO A 308 11.25 -9.45 -12.97
N MET A 309 11.24 -9.74 -11.68
CA MET A 309 10.48 -10.88 -11.17
C MET A 309 9.03 -10.85 -11.59
N LEU A 310 8.37 -9.70 -11.49
CA LEU A 310 6.96 -9.61 -11.83
C LEU A 310 6.76 -9.42 -13.33
N PHE A 311 7.71 -8.74 -13.98
CA PHE A 311 7.44 -8.21 -15.34
C PHE A 311 8.16 -8.88 -16.52
N ASN A 312 9.29 -9.54 -16.29
CA ASN A 312 9.97 -10.25 -17.40
C ASN A 312 9.06 -11.37 -17.91
N ASN A 313 8.82 -11.41 -19.22
CA ASN A 313 7.94 -12.47 -19.82
C ASN A 313 6.50 -12.49 -19.30
N GLU A 314 6.02 -11.34 -18.83
CA GLU A 314 4.66 -11.21 -18.33
C GLU A 314 3.90 -10.35 -19.31
N GLY A 315 2.84 -10.93 -19.90
CA GLY A 315 2.04 -10.24 -20.91
C GLY A 315 1.00 -9.27 -20.36
N HIS A 316 0.78 -9.30 -19.05
CA HIS A 316 -0.26 -8.50 -18.45
C HIS A 316 0.34 -7.60 -17.37
N HIS A 317 0.70 -6.39 -17.81
CA HIS A 317 1.45 -5.43 -17.05
C HIS A 317 0.57 -4.19 -16.84
N HIS A 318 0.13 -3.93 -15.61
CA HIS A 318 -0.72 -2.80 -15.36
C HIS A 318 -0.08 -1.52 -15.86
N HIS A 319 -0.86 -0.78 -16.63
CA HIS A 319 -0.42 0.52 -17.09
C HIS A 319 -1.64 1.41 -17.01
N HIS A 320 -1.44 2.60 -16.54
CA HIS A 320 -2.43 3.61 -16.64
C HIS A 320 -2.91 3.62 -18.11
N HIS A 321 -4.21 3.67 -18.26
CA HIS A 321 -4.97 3.79 -19.51
C HIS A 321 -4.40 3.24 -20.82
#